data_9MAP
#
_entry.id   9MAP
#
_cell.length_a   222.605
_cell.length_b   222.605
_cell.length_c   222.605
_cell.angle_alpha   90.00
_cell.angle_beta   90.00
_cell.angle_gamma   90.00
#
_symmetry.space_group_name_H-M   'I 41 3 2'
#
loop_
_entity.id
_entity.type
_entity.pdbx_description
1 polymer 'Programmed cell death 1 ligand 1'
2 polymer G-AGWLP
3 non-polymer 'PHOSPHATE ION'
4 non-polymer 'CALCIUM ION'
5 non-polymer 'CHLORIDE ION'
6 water water
#
loop_
_entity_poly.entity_id
_entity_poly.type
_entity_poly.pdbx_seq_one_letter_code
_entity_poly.pdbx_strand_id
1 'polypeptide(L)'
;AAAAFTVTVPKDLYVVEYGSNMTIECKFPVEKQLDLAALIVYWEMEDKNIIQFVHGEEDLKVQHSSYRQRARLLKDQLSL
GNAALQITDVKLQDAGVYRCMISYGGADYKRITVKVNAPHAA
;
A
2 'polypeptide(L)' GCPADCYEYCRGVPFCELGWSLRCPPHC B
#
loop_
_chem_comp.id
_chem_comp.type
_chem_comp.name
_chem_comp.formula
CA non-polymer 'CALCIUM ION' 'Ca 2'
CL non-polymer 'CHLORIDE ION' 'Cl -1'
PO4 non-polymer 'PHOSPHATE ION' 'O4 P -3'
#
# COMPACT_ATOMS: atom_id res chain seq x y z
N ALA A 3 -12.77 20.12 -5.55
CA ALA A 3 -11.43 19.63 -5.90
C ALA A 3 -11.51 18.25 -6.55
N ALA A 4 -10.55 17.96 -7.42
CA ALA A 4 -10.49 16.65 -8.06
C ALA A 4 -10.05 15.59 -7.06
N PHE A 5 -10.41 14.33 -7.36
CA PHE A 5 -10.01 13.24 -6.49
C PHE A 5 -8.50 13.04 -6.56
N THR A 6 -7.82 13.26 -5.44
CA THR A 6 -6.38 13.14 -5.40
C THR A 6 -5.96 12.38 -4.16
N VAL A 7 -4.92 11.56 -4.31
CA VAL A 7 -4.25 10.89 -3.21
C VAL A 7 -2.95 11.64 -2.93
N THR A 8 -2.68 11.92 -1.67
CA THR A 8 -1.51 12.71 -1.29
C THR A 8 -0.74 11.99 -0.19
N VAL A 9 0.55 12.28 -0.12
CA VAL A 9 1.43 11.74 0.90
C VAL A 9 2.05 12.90 1.67
N PRO A 10 1.90 12.95 3.00
CA PRO A 10 2.55 14.02 3.77
C PRO A 10 4.07 13.94 3.70
N LYS A 11 4.61 12.77 3.39
CA LYS A 11 6.05 12.54 3.39
C LYS A 11 6.37 11.45 2.38
N ASP A 12 7.28 11.74 1.45
CA ASP A 12 7.60 10.84 0.36
C ASP A 12 9.01 10.27 0.44
N LEU A 13 9.68 10.40 1.59
CA LEU A 13 11.01 9.82 1.77
C LEU A 13 11.20 9.53 3.24
N TYR A 14 11.32 8.25 3.59
CA TYR A 14 11.54 7.82 4.96
C TYR A 14 12.91 7.16 5.07
N VAL A 15 13.67 7.55 6.08
CA VAL A 15 14.93 6.90 6.41
C VAL A 15 14.75 6.28 7.79
N VAL A 16 14.67 4.95 7.85
CA VAL A 16 14.37 4.24 9.08
C VAL A 16 15.58 3.41 9.48
N GLU A 17 15.72 3.19 10.79
CA GLU A 17 16.82 2.38 11.30
C GLU A 17 16.48 0.90 11.20
N TYR A 18 17.53 0.08 11.07
CA TYR A 18 17.37 -1.35 10.93
C TYR A 18 16.68 -1.93 12.16
N GLY A 19 15.64 -2.74 11.93
CA GLY A 19 14.93 -3.41 13.00
C GLY A 19 13.87 -2.60 13.70
N SER A 20 13.62 -1.37 13.26
CA SER A 20 12.62 -0.52 13.90
C SER A 20 11.25 -0.72 13.25
N ASN A 21 10.28 0.05 13.72
CA ASN A 21 8.92 0.04 13.18
C ASN A 21 8.64 1.38 12.53
N MET A 22 7.97 1.37 11.39
CA MET A 22 7.69 2.58 10.65
C MET A 22 6.21 2.63 10.26
N THR A 23 5.70 3.86 10.15
CA THR A 23 4.35 4.11 9.66
C THR A 23 4.45 5.10 8.52
N ILE A 24 4.28 4.61 7.29
CA ILE A 24 4.22 5.47 6.12
C ILE A 24 2.76 5.81 5.84
N GLU A 25 2.48 7.08 5.63
CA GLU A 25 1.11 7.55 5.60
C GLU A 25 0.70 7.95 4.18
N CYS A 26 -0.60 7.86 3.93
CA CYS A 26 -1.17 8.13 2.63
C CYS A 26 -2.62 8.57 2.86
N LYS A 27 -2.99 9.71 2.27
CA LYS A 27 -4.26 10.35 2.58
C LYS A 27 -5.12 10.49 1.33
N PHE A 28 -6.42 10.26 1.50
CA PHE A 28 -7.43 10.37 0.46
C PHE A 28 -8.63 11.15 0.98
N PRO A 29 -9.41 11.76 0.10
CA PRO A 29 -10.51 12.62 0.57
C PRO A 29 -11.72 11.82 1.05
N VAL A 30 -12.22 12.17 2.22
CA VAL A 30 -13.44 11.60 2.77
C VAL A 30 -14.39 12.74 3.08
N GLU A 31 -15.31 13.01 2.17
CA GLU A 31 -16.42 13.88 2.49
C GLU A 31 -17.43 13.11 3.34
N LYS A 32 -18.32 13.87 4.01
CA LYS A 32 -19.35 13.33 4.89
C LYS A 32 -18.85 12.14 5.71
N GLN A 33 -19.61 11.05 5.72
CA GLN A 33 -19.18 9.82 6.37
C GLN A 33 -18.42 8.95 5.36
N LEU A 34 -17.92 7.81 5.83
CA LEU A 34 -17.12 6.92 4.99
C LEU A 34 -17.97 5.74 4.54
N ASP A 35 -18.06 5.55 3.22
CA ASP A 35 -18.70 4.36 2.65
C ASP A 35 -17.63 3.29 2.53
N LEU A 36 -17.54 2.45 3.57
CA LEU A 36 -16.48 1.44 3.63
C LEU A 36 -16.58 0.45 2.48
N ALA A 37 -17.79 0.16 2.02
CA ALA A 37 -17.97 -0.83 0.95
C ALA A 37 -17.30 -0.40 -0.34
N ALA A 38 -17.22 0.91 -0.60
CA ALA A 38 -16.67 1.43 -1.84
C ALA A 38 -15.17 1.66 -1.77
N LEU A 39 -14.54 1.48 -0.60
CA LEU A 39 -13.13 1.78 -0.44
C LEU A 39 -12.27 0.58 -0.80
N ILE A 40 -11.28 0.80 -1.66
CA ILE A 40 -10.28 -0.19 -2.02
C ILE A 40 -8.91 0.45 -1.82
N VAL A 41 -8.05 -0.21 -1.03
CA VAL A 41 -6.72 0.29 -0.75
C VAL A 41 -5.71 -0.80 -1.08
N TYR A 42 -4.77 -0.50 -1.96
CA TYR A 42 -3.66 -1.39 -2.28
C TYR A 42 -2.37 -0.74 -1.83
N TRP A 43 -1.56 -1.49 -1.09
CA TRP A 43 -0.19 -1.11 -0.78
C TRP A 43 0.73 -2.17 -1.39
N GLU A 44 1.73 -1.75 -2.15
CA GLU A 44 2.70 -2.69 -2.68
C GLU A 44 4.04 -1.98 -2.87
N MET A 45 5.13 -2.69 -2.62
CA MET A 45 6.47 -2.20 -2.87
C MET A 45 7.16 -3.17 -3.82
N GLU A 46 7.89 -2.61 -4.80
CA GLU A 46 8.49 -3.38 -5.88
C GLU A 46 7.38 -4.19 -6.54
N ASP A 47 7.56 -5.49 -6.76
CA ASP A 47 6.55 -6.31 -7.42
C ASP A 47 5.77 -7.19 -6.44
N LYS A 48 5.75 -6.83 -5.16
CA LYS A 48 5.10 -7.61 -4.12
C LYS A 48 3.96 -6.81 -3.50
N ASN A 49 2.80 -7.45 -3.36
CA ASN A 49 1.69 -6.83 -2.65
C ASN A 49 1.90 -6.90 -1.15
N ILE A 50 1.50 -5.84 -0.45
CA ILE A 50 1.56 -5.76 1.00
C ILE A 50 0.16 -5.75 1.61
N ILE A 51 -0.73 -4.91 1.08
CA ILE A 51 -2.10 -4.79 1.58
C ILE A 51 -3.05 -4.80 0.40
N GLN A 52 -4.09 -5.64 0.46
CA GLN A 52 -5.19 -5.63 -0.49
C GLN A 52 -6.48 -5.48 0.32
N PHE A 53 -6.87 -4.24 0.59
CA PHE A 53 -8.02 -3.94 1.44
C PHE A 53 -9.24 -3.72 0.54
N VAL A 54 -10.10 -4.73 0.48
CA VAL A 54 -11.31 -4.69 -0.33
C VAL A 54 -12.49 -5.11 0.53
N HIS A 55 -13.63 -4.44 0.35
CA HIS A 55 -14.88 -4.81 1.03
C HIS A 55 -14.72 -4.78 2.55
N GLY A 56 -13.94 -3.84 3.05
CA GLY A 56 -13.81 -3.63 4.47
C GLY A 56 -12.86 -4.56 5.21
N GLU A 57 -12.16 -5.44 4.50
CA GLU A 57 -11.23 -6.36 5.15
C GLU A 57 -9.97 -6.50 4.30
N GLU A 58 -8.89 -6.92 4.95
CA GLU A 58 -7.64 -7.21 4.24
C GLU A 58 -7.70 -8.62 3.67
N ASP A 59 -7.43 -8.73 2.38
CA ASP A 59 -7.39 -10.01 1.69
C ASP A 59 -5.95 -10.48 1.60
N LEU A 60 -5.66 -11.63 2.21
CA LEU A 60 -4.30 -12.16 2.28
C LEU A 60 -3.93 -13.02 1.09
N LYS A 61 -4.82 -13.12 0.10
CA LYS A 61 -4.62 -14.04 -1.02
C LYS A 61 -3.31 -13.78 -1.75
N VAL A 62 -2.93 -12.51 -1.90
CA VAL A 62 -1.75 -12.12 -2.66
C VAL A 62 -0.73 -11.39 -1.83
N GLN A 63 -0.90 -11.37 -0.50
CA GLN A 63 0.09 -10.72 0.34
C GLN A 63 1.40 -11.49 0.31
N HIS A 64 2.50 -10.77 0.07
CA HIS A 64 3.81 -11.41 0.06
C HIS A 64 4.13 -11.98 1.43
N SER A 65 4.71 -13.18 1.45
CA SER A 65 4.91 -13.90 2.71
C SER A 65 5.81 -13.16 3.68
N SER A 66 6.66 -12.24 3.19
CA SER A 66 7.52 -11.48 4.07
C SER A 66 6.72 -10.65 5.06
N TYR A 67 5.51 -10.25 4.69
CA TYR A 67 4.70 -9.35 5.49
C TYR A 67 3.63 -10.08 6.31
N ARG A 68 3.71 -11.41 6.40
CA ARG A 68 2.79 -12.14 7.25
C ARG A 68 3.02 -11.75 8.71
N GLN A 69 1.97 -11.23 9.35
CA GLN A 69 2.03 -10.77 10.74
C GLN A 69 3.10 -9.70 10.94
N ARG A 70 3.36 -8.90 9.91
CA ARG A 70 4.36 -7.85 9.98
C ARG A 70 3.83 -6.52 9.46
N ALA A 71 2.84 -6.57 8.57
CA ALA A 71 2.25 -5.38 7.97
C ALA A 71 0.79 -5.28 8.37
N ARG A 72 0.32 -4.05 8.57
CA ARG A 72 -1.02 -3.81 9.06
C ARG A 72 -1.52 -2.48 8.53
N LEU A 73 -2.80 -2.44 8.16
CA LEU A 73 -3.48 -1.22 7.75
C LEU A 73 -4.51 -0.88 8.82
N LEU A 74 -4.29 0.24 9.51
CA LEU A 74 -5.16 0.65 10.62
C LEU A 74 -6.54 1.01 10.07
N LYS A 75 -7.52 0.14 10.33
CA LYS A 75 -8.86 0.36 9.77
C LYS A 75 -9.51 1.60 10.35
N ASP A 76 -9.35 1.83 11.66
CA ASP A 76 -10.06 2.92 12.32
C ASP A 76 -9.65 4.29 11.79
N GLN A 77 -8.47 4.41 11.18
CA GLN A 77 -8.07 5.70 10.61
C GLN A 77 -8.61 5.93 9.22
N LEU A 78 -9.21 4.91 8.58
CA LEU A 78 -9.73 5.08 7.23
C LEU A 78 -10.88 6.08 7.20
N SER A 79 -11.67 6.16 8.27
CA SER A 79 -12.76 7.12 8.31
C SER A 79 -12.26 8.55 8.34
N LEU A 80 -11.00 8.78 8.71
CA LEU A 80 -10.39 10.10 8.67
C LEU A 80 -9.68 10.38 7.35
N GLY A 81 -9.80 9.49 6.37
CA GLY A 81 -9.06 9.63 5.14
C GLY A 81 -7.60 9.28 5.23
N ASN A 82 -7.23 8.44 6.20
CA ASN A 82 -5.83 8.04 6.44
C ASN A 82 -5.68 6.56 6.13
N ALA A 83 -4.98 6.25 5.03
CA ALA A 83 -4.54 4.90 4.74
C ALA A 83 -3.08 4.78 5.18
N ALA A 84 -2.90 4.66 6.49
CA ALA A 84 -1.55 4.56 7.06
C ALA A 84 -1.14 3.10 7.12
N LEU A 85 0.06 2.80 6.61
CA LEU A 85 0.60 1.46 6.61
C LEU A 85 1.68 1.32 7.68
N GLN A 86 1.54 0.30 8.53
CA GLN A 86 2.52 -0.02 9.55
C GLN A 86 3.29 -1.26 9.15
N ILE A 87 4.61 -1.20 9.27
CA ILE A 87 5.47 -2.36 9.08
C ILE A 87 6.45 -2.44 10.23
N THR A 88 6.49 -3.58 10.90
CA THR A 88 7.31 -3.77 12.09
C THR A 88 8.55 -4.59 11.75
N ASP A 89 9.61 -4.37 12.54
CA ASP A 89 10.87 -5.09 12.42
C ASP A 89 11.39 -5.04 10.98
N VAL A 90 11.55 -3.81 10.47
CA VAL A 90 11.97 -3.61 9.09
C VAL A 90 13.39 -4.13 8.92
N LYS A 91 13.66 -4.74 7.78
CA LYS A 91 14.97 -5.24 7.41
C LYS A 91 15.45 -4.55 6.15
N LEU A 92 16.68 -4.89 5.73
CA LEU A 92 17.24 -4.26 4.53
C LEU A 92 16.45 -4.60 3.28
N GLN A 93 15.73 -5.73 3.27
CA GLN A 93 14.89 -6.09 2.13
C GLN A 93 13.67 -5.19 2.00
N ASP A 94 13.37 -4.39 3.01
CA ASP A 94 12.22 -3.49 2.99
C ASP A 94 12.52 -2.15 2.32
N ALA A 95 13.74 -1.94 1.88
CA ALA A 95 14.10 -0.71 1.19
C ALA A 95 13.67 -0.75 -0.27
N GLY A 96 13.10 0.33 -0.74
CA GLY A 96 12.63 0.42 -2.10
C GLY A 96 11.54 1.47 -2.22
N VAL A 97 10.81 1.41 -3.32
CA VAL A 97 9.71 2.33 -3.59
C VAL A 97 8.39 1.62 -3.30
N TYR A 98 7.64 2.16 -2.35
CA TYR A 98 6.28 1.75 -2.07
C TYR A 98 5.32 2.57 -2.92
N ARG A 99 4.16 1.97 -3.21
CA ARG A 99 3.10 2.68 -3.93
C ARG A 99 1.79 2.48 -3.19
N CYS A 100 1.01 3.55 -3.15
CA CYS A 100 -0.25 3.61 -2.41
C CYS A 100 -1.36 3.92 -3.40
N MET A 101 -2.17 2.91 -3.70
CA MET A 101 -3.23 3.01 -4.70
C MET A 101 -4.58 2.93 -4.00
N ILE A 102 -5.39 3.97 -4.17
CA ILE A 102 -6.66 4.08 -3.46
C ILE A 102 -7.77 4.33 -4.45
N SER A 103 -8.85 3.55 -4.35
CA SER A 103 -10.04 3.71 -5.16
C SER A 103 -11.21 3.96 -4.22
N TYR A 104 -11.77 5.18 -4.27
CA TYR A 104 -12.93 5.56 -3.47
C TYR A 104 -13.68 6.61 -4.28
N GLY A 105 -14.62 6.15 -5.11
CA GLY A 105 -15.25 7.00 -6.10
C GLY A 105 -14.34 7.20 -7.29
N GLY A 106 -13.27 7.97 -7.11
CA GLY A 106 -12.21 8.08 -8.08
C GLY A 106 -11.05 7.18 -7.72
N ALA A 107 -9.91 7.43 -8.36
CA ALA A 107 -8.72 6.64 -8.10
C ALA A 107 -7.48 7.49 -8.32
N ASP A 108 -6.46 7.27 -7.50
CA ASP A 108 -5.18 7.94 -7.65
C ASP A 108 -4.14 7.13 -6.88
N TYR A 109 -2.88 7.51 -7.05
CA TYR A 109 -1.81 6.83 -6.34
C TYR A 109 -0.60 7.74 -6.25
N LYS A 110 0.24 7.47 -5.24
CA LYS A 110 1.48 8.19 -5.03
C LYS A 110 2.58 7.20 -4.66
N ARG A 111 3.82 7.60 -4.89
CA ARG A 111 4.99 6.80 -4.56
C ARG A 111 5.65 7.32 -3.28
N ILE A 112 6.21 6.39 -2.51
CA ILE A 112 6.97 6.70 -1.30
C ILE A 112 8.26 5.90 -1.32
N THR A 113 9.38 6.56 -1.01
CA THR A 113 10.67 5.90 -0.99
C THR A 113 11.11 5.67 0.45
N VAL A 114 11.50 4.43 0.75
CA VAL A 114 11.98 4.05 2.08
C VAL A 114 13.41 3.57 1.95
N LYS A 115 14.30 4.12 2.77
CA LYS A 115 15.68 3.68 2.88
C LYS A 115 15.91 3.13 4.29
N VAL A 116 16.56 1.98 4.39
CA VAL A 116 16.81 1.30 5.66
C VAL A 116 18.30 1.31 5.92
N ASN A 117 18.69 1.87 7.07
CA ASN A 117 20.10 1.90 7.44
C ASN A 117 20.61 0.52 7.80
N ALA A 118 21.92 0.33 7.64
CA ALA A 118 22.55 -0.90 8.10
C ALA A 118 22.55 -0.95 9.62
N PRO A 119 22.51 -2.15 10.20
CA PRO A 119 22.52 -2.26 11.67
C PRO A 119 23.85 -1.79 12.24
N HIS A 120 23.79 -1.32 13.49
CA HIS A 120 24.98 -0.93 14.23
C HIS A 120 25.50 -2.14 15.01
N ALA A 121 26.80 -2.37 14.95
CA ALA A 121 27.38 -3.55 15.59
C ALA A 121 27.42 -3.39 17.10
N ALA A 122 27.80 -4.47 17.78
CA ALA A 122 27.85 -4.48 19.24
C ALA A 122 28.91 -3.52 19.77
N GLY B 1 7.65 -14.17 -15.52
CA GLY B 1 6.48 -14.09 -16.37
C GLY B 1 5.37 -13.24 -15.80
N CYS B 2 4.44 -13.88 -15.09
CA CYS B 2 3.31 -13.19 -14.48
C CYS B 2 2.90 -13.91 -13.21
N PRO B 3 2.67 -13.20 -12.11
CA PRO B 3 2.24 -13.86 -10.87
C PRO B 3 0.81 -14.39 -11.01
N ALA B 4 0.47 -15.30 -10.10
CA ALA B 4 -0.87 -15.84 -10.07
C ALA B 4 -1.82 -14.86 -9.40
N ASP B 5 -3.12 -15.08 -9.63
CA ASP B 5 -4.21 -14.32 -9.01
C ASP B 5 -4.21 -12.85 -9.41
N CYS B 6 -3.53 -12.50 -10.52
CA CYS B 6 -3.64 -11.14 -11.01
C CYS B 6 -5.02 -10.83 -11.54
N TYR B 7 -5.79 -11.85 -11.96
CA TYR B 7 -7.14 -11.60 -12.42
C TYR B 7 -8.02 -11.08 -11.29
N GLU B 8 -8.03 -11.79 -10.15
CA GLU B 8 -8.73 -11.28 -8.98
C GLU B 8 -8.14 -9.95 -8.52
N TYR B 9 -6.83 -9.78 -8.70
CA TYR B 9 -6.16 -8.57 -8.24
C TYR B 9 -6.58 -7.34 -9.04
N CYS B 10 -6.84 -7.50 -10.34
CA CYS B 10 -6.99 -6.37 -11.25
C CYS B 10 -8.38 -6.15 -11.78
N ARG B 11 -9.26 -7.16 -11.74
CA ARG B 11 -10.54 -7.06 -12.42
C ARG B 11 -11.45 -6.00 -11.83
N GLY B 12 -11.25 -5.61 -10.57
CA GLY B 12 -12.10 -4.64 -9.91
C GLY B 12 -11.53 -3.25 -9.77
N VAL B 13 -10.29 -3.02 -10.20
CA VAL B 13 -9.61 -1.75 -9.98
C VAL B 13 -8.95 -1.29 -11.27
N PRO B 14 -8.76 0.02 -11.47
CA PRO B 14 -7.97 0.49 -12.60
C PRO B 14 -6.47 0.51 -12.35
N PHE B 15 -6.02 0.02 -11.19
CA PHE B 15 -4.61 0.14 -10.84
C PHE B 15 -3.72 -0.54 -11.88
N CYS B 16 -4.00 -1.80 -12.19
CA CYS B 16 -3.40 -2.40 -13.36
C CYS B 16 -4.03 -1.81 -14.62
N GLU B 17 -3.33 -1.95 -15.74
CA GLU B 17 -3.75 -1.45 -17.04
C GLU B 17 -3.62 0.06 -17.10
N LEU B 18 -3.38 0.71 -15.97
CA LEU B 18 -2.95 2.10 -15.93
C LEU B 18 -1.47 2.22 -15.61
N GLY B 19 -0.77 1.10 -15.48
CA GLY B 19 0.65 1.11 -15.20
C GLY B 19 1.01 1.36 -13.76
N TRP B 20 0.06 1.23 -12.83
CA TRP B 20 0.34 1.51 -11.42
C TRP B 20 0.86 0.30 -10.65
N SER B 21 0.57 -0.91 -11.11
CA SER B 21 0.94 -2.12 -10.38
C SER B 21 2.18 -2.73 -11.00
N LEU B 22 3.23 -2.90 -10.19
CA LEU B 22 4.39 -3.66 -10.62
C LEU B 22 4.19 -5.16 -10.43
N ARG B 23 3.33 -5.54 -9.48
CA ARG B 23 3.03 -6.96 -9.30
C ARG B 23 2.34 -7.54 -10.53
N CYS B 24 1.38 -6.80 -11.09
CA CYS B 24 0.64 -7.22 -12.28
C CYS B 24 0.79 -6.12 -13.33
N PRO B 25 1.89 -6.10 -14.07
CA PRO B 25 2.09 -5.07 -15.10
C PRO B 25 1.04 -5.17 -16.18
N PRO B 26 0.85 -4.10 -16.97
CA PRO B 26 -0.22 -4.11 -17.97
C PRO B 26 -0.13 -5.25 -18.98
N HIS B 27 1.08 -5.64 -19.39
CA HIS B 27 1.27 -6.76 -20.32
C HIS B 27 2.35 -7.67 -19.74
N CYS B 28 1.95 -8.54 -18.83
CA CYS B 28 2.90 -9.42 -18.15
C CYS B 28 3.07 -10.72 -18.92
P PO4 C . 12.58 11.69 8.77
O1 PO4 C . 13.51 11.28 9.96
O2 PO4 C . 11.12 11.83 9.32
O3 PO4 C . 13.04 13.06 8.16
O4 PO4 C . 12.64 10.59 7.65
CA CA D . -5.67 -15.82 -12.56
CL CL E . -1.49 -16.17 -14.12
#